data_2Y5G
#
_entry.id   2Y5G
#
_cell.length_a   48.946
_cell.length_b   74.353
_cell.length_c   77.029
_cell.angle_alpha   90.00
_cell.angle_beta   90.00
_cell.angle_gamma   90.00
#
_symmetry.space_group_name_H-M   'P 21 21 21'
#
loop_
_entity.id
_entity.type
_entity.pdbx_description
1 polymer 'ACTIVATED FACTOR XA HEAVY CHAIN'
2 polymer 'FACTOR X LIGHT CHAIN'
3 non-polymer 3-[(3AS,4R,5S,8AS,8BR)-4-[5-(5-CHLOROTHIOPHEN-2-YL)-1,3-OXAZOL-2-YL]-1,3-DIOXO-4,6,7,8,8A,8B-HEXAHYDRO-3AH-PYRROLO[3,4-A]PYRROLIZIN-2-YL]PROPYL-TRIMETHYL-AZANIUM
4 non-polymer 'SODIUM ION'
5 water water
#
loop_
_entity_poly.entity_id
_entity_poly.type
_entity_poly.pdbx_seq_one_letter_code
_entity_poly.pdbx_strand_id
1 'polypeptide(L)'
;IVGGQECKDGECPWQALLINEENEGFCGGTILSEFYILTAAHCLYQAKRFKVRVGDRNTEQEEGGEAVHEVEVVIKHNRF
TKETYDFDIAVLRLKTPITFRMNVAPACLPERDWAESTLMTQKTGIVSGFGRTHEKGEQSTRLKMLEVPYVDRNSCKLSS
SFIITQNMFCAGYDTKQEDACQGDSGGPHVTRFKDTYFVTGIVSWGEGCARKGKYGIYTKVTAFLKWIDRSMKT
;
A
2 'polypeptide(L)' KLCSLDNGDCDQFCHEEQNSVVCSCARGYTLADNGKACIPTGPYPCGKQTLERR L
#
# COMPACT_ATOMS: atom_id res chain seq x y z
N ILE A 1 12.02 1.87 6.80
CA ILE A 1 12.55 1.49 5.47
C ILE A 1 14.10 1.48 5.55
N VAL A 2 14.71 0.36 5.19
CA VAL A 2 16.16 0.19 5.11
C VAL A 2 16.54 0.46 3.63
N GLY A 3 17.49 1.38 3.41
CA GLY A 3 17.87 1.79 2.08
C GLY A 3 16.77 2.69 1.52
N GLY A 4 16.57 2.62 0.20
CA GLY A 4 15.59 3.49 -0.43
C GLY A 4 15.96 4.96 -0.36
N GLN A 5 14.95 5.82 -0.37
CA GLN A 5 15.17 7.26 -0.34
CA GLN A 5 15.16 7.27 -0.36
C GLN A 5 14.02 7.97 0.35
N GLU A 6 14.24 9.21 0.74
CA GLU A 6 13.17 10.03 1.26
C GLU A 6 12.13 10.30 0.17
N CYS A 7 10.85 10.19 0.53
N CYS A 7 10.88 10.22 0.54
CA CYS A 7 9.78 10.57 -0.40
CA CYS A 7 9.85 10.48 -0.42
C CYS A 7 9.89 12.05 -0.67
C CYS A 7 9.72 11.99 -0.66
N LYS A 8 9.73 12.38 -1.94
CA LYS A 8 9.72 13.76 -2.35
C LYS A 8 8.33 14.34 -2.12
N ASP A 9 8.25 15.66 -2.07
CA ASP A 9 6.99 16.34 -1.76
C ASP A 9 5.93 15.89 -2.77
N GLY A 10 4.77 15.44 -2.28
CA GLY A 10 3.67 15.02 -3.14
C GLY A 10 3.76 13.59 -3.65
N GLU A 11 4.86 12.89 -3.37
CA GLU A 11 5.08 11.59 -4.02
C GLU A 11 4.56 10.35 -3.32
N CYS A 12 4.20 10.49 -2.06
CA CYS A 12 3.62 9.39 -1.25
C CYS A 12 2.36 9.86 -0.51
N PRO A 13 1.38 10.42 -1.24
CA PRO A 13 0.32 11.16 -0.55
C PRO A 13 -0.72 10.27 0.13
N TRP A 14 -0.69 8.98 -0.19
CA TRP A 14 -1.56 7.98 0.42
C TRP A 14 -1.01 7.41 1.71
N GLN A 15 0.17 7.80 2.12
CA GLN A 15 0.72 7.28 3.38
C GLN A 15 -0.08 7.80 4.58
N ALA A 16 -0.48 6.90 5.45
CA ALA A 16 -1.02 7.26 6.77
C ALA A 16 -0.09 6.72 7.84
N LEU A 17 -0.15 7.34 9.02
CA LEU A 17 0.64 6.89 10.17
C LEU A 17 -0.29 6.63 11.34
N LEU A 18 -0.20 5.45 11.93
CA LEU A 18 -0.95 5.18 13.16
C LEU A 18 -0.09 5.63 14.31
N ILE A 19 -0.69 6.45 15.17
CA ILE A 19 0.02 7.09 16.29
C ILE A 19 -0.57 6.62 17.62
N ASN A 20 0.31 6.21 18.53
CA ASN A 20 -0.10 5.63 19.81
C ASN A 20 -0.29 6.73 20.85
N GLU A 21 -0.50 6.33 22.10
CA GLU A 21 -0.69 7.29 23.20
C GLU A 21 0.60 8.05 23.56
N GLU A 22 0.88 9.07 22.76
CA GLU A 22 2.18 9.79 22.75
C GLU A 22 2.40 10.54 21.44
N ASN A 23 1.56 10.30 20.44
CA ASN A 23 1.81 10.75 19.07
C ASN A 23 3.14 10.19 18.56
N GLU A 24 3.43 8.93 18.89
CA GLU A 24 4.54 8.20 18.28
C GLU A 24 3.98 7.24 17.25
N GLY A 25 4.57 7.23 16.06
CA GLY A 25 4.13 6.32 15.02
C GLY A 25 4.58 4.92 15.35
N PHE A 26 3.72 3.92 15.11
CA PHE A 26 4.09 2.52 15.34
C PHE A 26 3.75 1.62 14.14
N CYS A 27 2.93 2.13 13.21
CA CYS A 27 2.50 1.37 12.04
C CYS A 27 2.09 2.38 10.99
N GLY A 28 2.07 1.91 9.75
CA GLY A 28 1.51 2.66 8.65
C GLY A 28 0.10 2.25 8.28
N GLY A 29 -0.42 2.96 7.30
CA GLY A 29 -1.68 2.68 6.66
C GLY A 29 -1.67 3.32 5.28
N THR A 30 -2.72 3.02 4.53
CA THR A 30 -2.94 3.55 3.17
C THR A 30 -4.27 4.26 3.12
N ILE A 31 -4.31 5.50 2.66
CA ILE A 31 -5.57 6.20 2.47
C ILE A 31 -6.32 5.59 1.26
N LEU A 32 -7.55 5.14 1.49
CA LEU A 32 -8.39 4.58 0.43
C LEU A 32 -9.48 5.55 -0.04
N SER A 33 -9.94 6.41 0.83
CA SER A 33 -11.01 7.35 0.53
C SER A 33 -11.04 8.37 1.66
N GLU A 34 -12.01 9.29 1.65
CA GLU A 34 -12.06 10.29 2.71
C GLU A 34 -12.30 9.71 4.10
N PHE A 35 -12.97 8.57 4.16
CA PHE A 35 -13.30 7.96 5.44
C PHE A 35 -12.53 6.69 5.80
N TYR A 36 -11.78 6.10 4.85
CA TYR A 36 -11.24 4.75 5.11
C TYR A 36 -9.72 4.67 4.92
N ILE A 37 -9.09 3.98 5.86
CA ILE A 37 -7.67 3.64 5.87
C ILE A 37 -7.51 2.14 5.84
N LEU A 38 -6.60 1.67 4.99
CA LEU A 38 -6.19 0.29 4.95
C LEU A 38 -4.96 0.07 5.84
N THR A 39 -4.97 -0.96 6.67
CA THR A 39 -3.80 -1.27 7.48
C THR A 39 -3.73 -2.80 7.70
N ALA A 40 -2.76 -3.23 8.48
CA ALA A 40 -2.59 -4.63 8.87
C ALA A 40 -3.38 -4.88 10.16
N ALA A 41 -4.05 -6.01 10.21
CA ALA A 41 -4.72 -6.45 11.44
C ALA A 41 -3.76 -6.53 12.62
N HIS A 42 -2.51 -6.94 12.38
CA HIS A 42 -1.59 -7.14 13.52
C HIS A 42 -1.25 -5.79 14.16
N CYS A 43 -1.40 -4.71 13.41
CA CYS A 43 -1.20 -3.36 13.98
C CYS A 43 -2.18 -3.00 15.11
N LEU A 44 -3.35 -3.63 15.11
CA LEU A 44 -4.41 -3.37 16.06
C LEU A 44 -4.07 -3.85 17.48
N TYR A 45 -3.06 -4.73 17.60
CA TYR A 45 -2.61 -5.26 18.89
C TYR A 45 -1.38 -4.53 19.43
N GLN A 46 -0.85 -3.55 18.68
CA GLN A 46 0.45 -2.95 18.99
C GLN A 46 0.33 -1.73 19.91
N ALA A 47 -0.88 -1.19 20.04
CA ALA A 47 -1.15 -0.08 20.94
C ALA A 47 -2.59 -0.25 21.44
N LYS A 48 -2.81 0.07 22.71
CA LYS A 48 -4.13 -0.02 23.33
C LYS A 48 -5.12 0.86 22.60
N ARG A 49 -4.68 2.09 22.34
CA ARG A 49 -5.47 3.10 21.64
C ARG A 49 -4.58 3.81 20.61
N PHE A 50 -5.16 4.28 19.49
CA PHE A 50 -4.38 5.01 18.48
C PHE A 50 -5.27 5.92 17.63
N LYS A 51 -4.62 6.87 16.94
CA LYS A 51 -5.27 7.77 15.98
C LYS A 51 -4.49 7.65 14.63
N VAL A 52 -4.97 8.38 13.63
CA VAL A 52 -4.37 8.33 12.29
C VAL A 52 -3.93 9.72 11.88
N ARG A 53 -2.65 9.85 11.50
CA ARG A 53 -2.17 11.13 10.95
C ARG A 53 -1.98 10.97 9.44
N VAL A 54 -2.37 12.01 8.71
CA VAL A 54 -2.13 12.12 7.28
C VAL A 54 -1.42 13.43 6.92
N GLY A 55 -0.79 13.49 5.76
CA GLY A 55 -0.17 14.72 5.28
C GLY A 55 1.16 15.04 5.90
N ASP A 56 1.76 14.09 6.58
CA ASP A 56 3.02 14.29 7.27
C ASP A 56 4.17 13.68 6.45
N ARG A 57 5.23 14.43 6.31
CA ARG A 57 6.48 13.92 5.74
C ARG A 57 7.65 13.94 6.70
N ASN A 58 7.53 14.75 7.75
CA ASN A 58 8.63 14.97 8.68
C ASN A 58 8.01 15.09 10.04
N THR A 59 8.24 14.10 10.88
CA THR A 59 7.56 14.07 12.17
C THR A 59 8.12 15.05 13.21
N GLU A 60 9.23 15.73 12.90
CA GLU A 60 9.83 16.74 13.75
C GLU A 60 9.61 18.14 13.22
N GLN A 61 8.81 18.33 12.19
CA GLN A 61 8.54 19.67 11.66
C GLN A 61 7.04 19.82 11.42
N GLU A 62 6.50 20.98 11.80
CA GLU A 62 5.11 21.35 11.47
C GLU A 62 5.09 22.11 10.14
N GLU A 63 4.73 21.40 9.08
CA GLU A 63 4.62 21.98 7.74
C GLU A 63 3.38 22.86 7.64
N GLY A 64 2.30 22.38 8.24
CA GLY A 64 1.01 23.07 8.19
C GLY A 64 -0.07 22.23 7.52
N GLY A 65 0.33 21.22 6.75
CA GLY A 65 -0.64 20.37 6.03
C GLY A 65 -1.12 19.10 6.76
N GLU A 66 -0.49 18.80 7.88
CA GLU A 66 -0.79 17.61 8.66
C GLU A 66 -2.18 17.64 9.31
N ALA A 67 -2.84 16.49 9.42
CA ALA A 67 -4.10 16.36 10.16
C ALA A 67 -4.17 15.01 10.85
N VAL A 68 -4.81 15.01 12.01
CA VAL A 68 -5.02 13.83 12.84
C VAL A 68 -6.51 13.51 12.88
N HIS A 69 -6.84 12.23 12.70
CA HIS A 69 -8.23 11.74 12.63
C HIS A 69 -8.39 10.61 13.63
N GLU A 70 -9.50 10.65 14.36
CA GLU A 70 -9.86 9.55 15.24
C GLU A 70 -10.56 8.45 14.48
N VAL A 71 -10.46 7.24 15.03
CA VAL A 71 -11.06 6.06 14.45
C VAL A 71 -12.49 5.84 15.00
N GLU A 72 -13.47 5.73 14.10
CA GLU A 72 -14.85 5.42 14.47
C GLU A 72 -15.11 3.91 14.59
N VAL A 73 -14.66 3.14 13.59
CA VAL A 73 -14.84 1.69 13.56
C VAL A 73 -13.57 1.03 13.07
N VAL A 74 -13.21 -0.05 13.72
CA VAL A 74 -12.18 -0.95 13.25
C VAL A 74 -12.87 -2.15 12.64
N ILE A 75 -12.52 -2.47 11.39
CA ILE A 75 -13.01 -3.65 10.68
C ILE A 75 -11.81 -4.58 10.42
N LYS A 76 -11.62 -5.53 11.31
N LYS A 76 -11.59 -5.51 11.33
CA LYS A 76 -10.52 -6.48 11.28
CA LYS A 76 -10.52 -6.48 11.25
C LYS A 76 -11.01 -7.71 10.50
C LYS A 76 -11.02 -7.68 10.46
N HIS A 77 -10.15 -8.32 9.68
CA HIS A 77 -10.56 -9.55 9.02
C HIS A 77 -10.86 -10.60 10.09
N ASN A 78 -11.96 -11.33 9.92
N ASN A 78 -12.03 -11.21 10.01
CA ASN A 78 -12.34 -12.35 10.91
CA ASN A 78 -12.50 -12.15 11.05
C ASN A 78 -11.56 -13.66 10.80
C ASN A 78 -11.57 -13.35 11.18
N ARG A 79 -10.61 -13.78 9.86
N ARG A 79 -10.83 -13.63 10.11
CA ARG A 79 -9.75 -14.95 9.84
CA ARG A 79 -9.96 -14.80 10.02
C ARG A 79 -8.33 -14.55 10.21
C ARG A 79 -8.46 -14.52 10.27
N PHE A 80 -8.10 -13.28 10.61
CA PHE A 80 -6.75 -12.93 11.05
C PHE A 80 -6.30 -13.84 12.16
N THR A 81 -5.06 -14.30 12.06
CA THR A 81 -4.45 -15.21 13.03
C THR A 81 -3.08 -14.67 13.44
N LYS A 82 -2.88 -14.37 14.71
CA LYS A 82 -1.59 -13.87 15.21
C LYS A 82 -0.45 -14.88 15.03
N GLU A 83 -0.81 -16.17 15.01
CA GLU A 83 0.18 -17.24 14.98
C GLU A 83 0.96 -17.19 13.68
N THR A 84 0.24 -16.98 12.58
CA THR A 84 0.85 -17.01 11.26
C THR A 84 0.81 -15.70 10.49
N TYR A 85 0.07 -14.73 11.03
CA TYR A 85 -0.28 -13.47 10.32
C TYR A 85 -1.06 -13.71 9.03
N ASP A 86 -1.71 -14.87 8.88
CA ASP A 86 -2.63 -15.05 7.77
C ASP A 86 -3.81 -14.09 7.90
N PHE A 87 -4.33 -13.62 6.77
CA PHE A 87 -5.44 -12.67 6.71
C PHE A 87 -5.08 -11.36 7.45
N ASP A 88 -3.87 -10.83 7.18
CA ASP A 88 -3.38 -9.68 7.94
C ASP A 88 -3.87 -8.39 7.28
N ILE A 89 -5.13 -8.08 7.53
CA ILE A 89 -5.78 -6.93 6.89
C ILE A 89 -6.88 -6.38 7.78
N ALA A 90 -6.98 -5.06 7.79
CA ALA A 90 -8.03 -4.34 8.48
C ALA A 90 -8.31 -3.04 7.76
N VAL A 91 -9.54 -2.55 7.88
CA VAL A 91 -9.94 -1.24 7.41
C VAL A 91 -10.40 -0.42 8.62
N LEU A 92 -10.04 0.86 8.65
CA LEU A 92 -10.47 1.78 9.66
C LEU A 92 -11.38 2.81 9.01
N ARG A 93 -12.55 3.01 9.62
CA ARG A 93 -13.41 4.12 9.27
C ARG A 93 -13.11 5.26 10.25
N LEU A 94 -12.84 6.44 9.73
CA LEU A 94 -12.54 7.62 10.54
C LEU A 94 -13.83 8.31 10.99
N LYS A 95 -13.72 8.99 12.13
CA LYS A 95 -14.84 9.74 12.68
C LYS A 95 -15.14 10.99 11.85
N THR A 96 -14.10 11.59 11.25
CA THR A 96 -14.27 12.76 10.42
C THR A 96 -13.51 12.53 9.10
N PRO A 97 -14.00 13.10 7.99
CA PRO A 97 -13.40 12.82 6.69
C PRO A 97 -12.11 13.60 6.41
N ILE A 98 -11.20 12.93 5.73
CA ILE A 98 -9.98 13.55 5.26
C ILE A 98 -10.31 14.57 4.17
N THR A 99 -9.65 15.73 4.22
CA THR A 99 -9.68 16.72 3.13
C THR A 99 -8.46 16.50 2.24
N PHE A 100 -8.66 16.06 1.01
CA PHE A 100 -7.50 15.81 0.14
C PHE A 100 -6.87 17.14 -0.22
N ARG A 101 -5.55 17.11 -0.38
CA ARG A 101 -4.74 18.31 -0.51
C ARG A 101 -3.32 17.89 -0.83
N MET A 102 -2.39 18.83 -0.93
CA MET A 102 -0.98 18.45 -1.09
C MET A 102 -0.58 17.38 -0.06
N ASN A 103 0.07 16.30 -0.52
CA ASN A 103 0.53 15.21 0.35
C ASN A 103 -0.59 14.35 1.02
N VAL A 104 -1.84 14.52 0.57
CA VAL A 104 -3.00 13.79 1.11
C VAL A 104 -3.95 13.40 -0.01
N ALA A 105 -3.87 12.14 -0.46
CA ALA A 105 -4.70 11.66 -1.55
C ALA A 105 -4.76 10.14 -1.44
N PRO A 106 -5.84 9.53 -1.94
CA PRO A 106 -5.97 8.09 -1.86
C PRO A 106 -5.15 7.35 -2.92
N ALA A 107 -4.78 6.12 -2.62
CA ALA A 107 -4.28 5.19 -3.62
C ALA A 107 -5.47 4.50 -4.27
N CYS A 108 -5.32 4.04 -5.51
CA CYS A 108 -6.42 3.38 -6.19
C CYS A 108 -6.52 1.90 -5.85
N LEU A 109 -7.75 1.42 -5.73
CA LEU A 109 -8.03 0.00 -5.66
C LEU A 109 -8.22 -0.53 -7.06
N PRO A 110 -7.42 -1.53 -7.45
CA PRO A 110 -7.56 -2.06 -8.81
C PRO A 110 -8.66 -3.11 -8.89
N GLU A 111 -9.11 -3.38 -10.11
CA GLU A 111 -9.94 -4.57 -10.39
C GLU A 111 -9.06 -5.81 -10.23
N ARG A 112 -9.60 -6.87 -9.64
CA ARG A 112 -8.81 -8.04 -9.27
C ARG A 112 -8.10 -8.76 -10.43
N ASP A 113 -8.85 -9.15 -11.44
CA ASP A 113 -8.22 -9.94 -12.53
C ASP A 113 -7.13 -9.13 -13.22
N TRP A 114 -7.39 -7.85 -13.46
CA TRP A 114 -6.38 -6.99 -14.11
C TRP A 114 -5.16 -6.78 -13.17
N ALA A 115 -5.40 -6.64 -11.87
CA ALA A 115 -4.30 -6.55 -10.92
C ALA A 115 -3.40 -7.78 -11.01
N GLU A 116 -4.02 -8.96 -11.08
CA GLU A 116 -3.26 -10.18 -11.17
C GLU A 116 -2.44 -10.29 -12.46
N SER A 117 -3.05 -9.90 -13.58
CA SER A 117 -2.37 -10.06 -14.89
C SER A 117 -1.40 -8.95 -15.25
N THR A 118 -1.57 -7.80 -14.61
CA THR A 118 -0.92 -6.57 -15.02
C THR A 118 -0.09 -5.88 -13.95
N LEU A 119 -0.56 -5.90 -12.72
CA LEU A 119 0.21 -5.28 -11.62
C LEU A 119 1.17 -6.23 -10.95
N MET A 120 0.69 -7.41 -10.60
CA MET A 120 1.49 -8.40 -9.90
C MET A 120 2.59 -8.98 -10.77
N THR A 121 2.49 -8.75 -12.08
CA THR A 121 3.45 -9.20 -13.06
C THR A 121 4.48 -8.15 -13.45
N GLN A 122 4.39 -6.96 -12.83
N GLN A 122 4.43 -6.97 -12.85
CA GLN A 122 5.38 -5.90 -12.98
CA GLN A 122 5.47 -6.03 -13.10
C GLN A 122 6.67 -6.38 -12.29
C GLN A 122 6.68 -6.40 -12.31
N LYS A 123 7.80 -5.78 -12.65
CA LYS A 123 9.06 -6.09 -11.99
C LYS A 123 9.04 -5.71 -10.50
N THR A 124 8.47 -4.55 -10.19
CA THR A 124 8.57 -3.93 -8.87
C THR A 124 7.29 -3.27 -8.42
N GLY A 125 7.23 -3.11 -7.10
CA GLY A 125 6.28 -2.26 -6.42
C GLY A 125 7.06 -1.29 -5.52
N ILE A 126 6.32 -0.45 -4.83
N ILE A 126 6.31 -0.46 -4.80
CA ILE A 126 6.92 0.54 -3.94
CA ILE A 126 6.85 0.63 -3.98
C ILE A 126 6.31 0.40 -2.56
C ILE A 126 6.30 0.53 -2.55
N VAL A 127 7.17 0.39 -1.56
CA VAL A 127 6.77 0.35 -0.17
C VAL A 127 7.25 1.66 0.46
N SER A 128 6.55 2.13 1.48
CA SER A 128 6.89 3.39 2.14
C SER A 128 6.56 3.34 3.62
N GLY A 129 7.20 4.23 4.36
CA GLY A 129 6.92 4.38 5.76
C GLY A 129 7.99 5.14 6.53
N PHE A 130 7.69 5.24 7.80
CA PHE A 130 8.51 5.93 8.81
C PHE A 130 9.25 4.95 9.71
N GLY A 131 9.33 3.70 9.32
CA GLY A 131 9.93 2.67 10.15
C GLY A 131 11.45 2.75 10.26
N ARG A 132 12.00 1.76 10.96
CA ARG A 132 13.44 1.75 11.25
C ARG A 132 14.27 1.75 9.96
N THR A 133 15.44 2.34 10.03
CA THR A 133 16.34 2.47 8.88
C THR A 133 17.36 1.32 8.81
N HIS A 134 17.42 0.52 9.87
CA HIS A 134 18.07 -0.79 9.89
C HIS A 134 17.44 -1.59 11.03
N GLU A 135 17.60 -2.92 10.97
CA GLU A 135 16.89 -3.83 11.87
C GLU A 135 16.95 -3.37 13.35
N LYS A 136 18.13 -3.01 13.82
CA LYS A 136 18.29 -2.68 15.24
C LYS A 136 18.33 -1.19 15.46
N GLY A 137 17.91 -0.41 14.47
CA GLY A 137 18.01 1.02 14.51
C GLY A 137 16.77 1.69 15.05
N GLU A 138 16.68 2.98 14.71
CA GLU A 138 15.60 3.82 15.12
C GLU A 138 14.72 4.14 13.93
N GLN A 139 13.50 4.56 14.21
CA GLN A 139 12.56 5.00 13.18
C GLN A 139 13.04 6.25 12.48
N SER A 140 12.73 6.37 11.19
CA SER A 140 13.05 7.56 10.41
C SER A 140 12.08 8.69 10.78
N THR A 141 12.59 9.89 10.99
CA THR A 141 11.71 11.03 11.18
C THR A 141 11.15 11.53 9.84
N ARG A 142 11.76 11.13 8.73
CA ARG A 142 11.27 11.48 7.41
C ARG A 142 10.67 10.27 6.70
N LEU A 143 9.60 10.51 5.97
CA LEU A 143 8.96 9.45 5.23
C LEU A 143 9.88 8.98 4.10
N LYS A 144 10.07 7.65 4.01
CA LYS A 144 10.92 7.03 3.01
C LYS A 144 10.08 6.12 2.11
N MET A 145 10.60 5.89 0.92
N MET A 145 10.62 5.91 0.90
CA MET A 145 10.05 4.90 0.02
CA MET A 145 10.04 5.00 -0.09
C MET A 145 11.19 4.04 -0.52
C MET A 145 11.14 4.15 -0.72
N LEU A 146 10.78 2.94 -1.13
CA LEU A 146 11.71 1.94 -1.63
C LEU A 146 11.03 1.12 -2.72
N GLU A 147 11.70 0.96 -3.82
CA GLU A 147 11.29 0.04 -4.85
C GLU A 147 11.70 -1.37 -4.48
N VAL A 148 10.73 -2.27 -4.47
CA VAL A 148 10.98 -3.64 -4.08
C VAL A 148 10.56 -4.58 -5.22
N PRO A 149 11.47 -5.42 -5.70
CA PRO A 149 11.06 -6.41 -6.72
C PRO A 149 10.03 -7.40 -6.17
N TYR A 150 9.10 -7.81 -7.01
CA TYR A 150 8.28 -8.97 -6.71
C TYR A 150 9.21 -10.22 -6.69
N VAL A 151 8.99 -11.11 -5.74
CA VAL A 151 9.77 -12.34 -5.56
C VAL A 151 8.86 -13.53 -5.78
N ASP A 152 9.29 -14.50 -6.57
CA ASP A 152 8.35 -15.57 -6.90
C ASP A 152 8.03 -16.43 -5.66
N ARG A 153 6.83 -16.99 -5.66
CA ARG A 153 6.31 -17.69 -4.50
C ARG A 153 7.18 -18.87 -4.06
N ASN A 154 7.66 -19.67 -5.03
CA ASN A 154 8.52 -20.80 -4.67
C ASN A 154 9.78 -20.40 -3.92
N SER A 155 10.44 -19.36 -4.44
CA SER A 155 11.64 -18.82 -3.78
C SER A 155 11.28 -18.30 -2.38
N CYS A 156 10.14 -17.59 -2.33
N CYS A 156 10.18 -17.63 -2.26
CA CYS A 156 9.53 -17.04 -1.08
CA CYS A 156 9.88 -17.13 -0.94
C CYS A 156 9.40 -18.10 0.02
C CYS A 156 9.59 -18.24 0.07
N LYS A 157 8.79 -19.23 -0.32
CA LYS A 157 8.51 -20.31 0.62
C LYS A 157 9.80 -20.98 1.13
N LEU A 158 10.74 -21.19 0.21
CA LEU A 158 12.02 -21.83 0.54
C LEU A 158 12.83 -20.97 1.51
N SER A 159 12.74 -19.66 1.31
CA SER A 159 13.49 -18.72 2.12
C SER A 159 12.96 -18.55 3.55
N SER A 160 11.71 -18.94 3.79
CA SER A 160 11.01 -18.55 5.02
C SER A 160 10.99 -19.67 6.08
N SER A 161 11.22 -19.28 7.34
CA SER A 161 11.09 -20.20 8.48
C SER A 161 9.66 -20.42 8.88
N PHE A 162 8.75 -19.62 8.31
CA PHE A 162 7.33 -19.66 8.64
C PHE A 162 6.50 -19.81 7.38
N ILE A 163 5.28 -20.30 7.56
CA ILE A 163 4.42 -20.56 6.43
C ILE A 163 4.08 -19.26 5.66
N ILE A 164 4.18 -19.34 4.34
CA ILE A 164 3.70 -18.30 3.42
C ILE A 164 2.40 -18.79 2.82
N THR A 165 1.31 -18.17 3.21
CA THR A 165 -0.03 -18.58 2.70
C THR A 165 -0.31 -17.92 1.35
N GLN A 166 -1.41 -18.27 0.68
N GLN A 166 -1.43 -18.30 0.75
CA GLN A 166 -1.74 -17.60 -0.58
CA GLN A 166 -1.90 -17.70 -0.50
C GLN A 166 -2.38 -16.22 -0.34
C GLN A 166 -2.33 -16.25 -0.33
N ASN A 167 -2.51 -15.84 0.92
CA ASN A 167 -2.87 -14.44 1.26
C ASN A 167 -1.66 -13.54 1.50
N MET A 168 -0.48 -14.02 1.12
CA MET A 168 0.80 -13.32 1.32
C MET A 168 1.59 -13.37 0.01
N PHE A 169 2.44 -12.38 -0.16
CA PHE A 169 3.48 -12.47 -1.18
C PHE A 169 4.79 -11.86 -0.66
N CYS A 170 5.93 -12.31 -1.23
N CYS A 170 5.85 -12.09 -1.40
CA CYS A 170 7.28 -11.77 -0.92
CA CYS A 170 7.13 -11.65 -0.94
C CYS A 170 7.61 -10.63 -1.89
C CYS A 170 7.71 -10.67 -1.93
N ALA A 171 8.40 -9.69 -1.40
CA ALA A 171 9.02 -8.64 -2.20
C ALA A 171 10.28 -8.18 -1.52
N GLY A 172 11.22 -7.71 -2.34
CA GLY A 172 12.49 -7.23 -1.84
C GLY A 172 13.65 -7.95 -2.48
N TYR A 173 14.72 -8.13 -1.68
CA TYR A 173 16.00 -8.57 -2.18
C TYR A 173 16.55 -9.70 -1.33
N ASP A 174 17.21 -10.65 -1.98
CA ASP A 174 17.90 -11.75 -1.30
C ASP A 174 18.99 -11.22 -0.37
N THR A 175 19.99 -10.56 -0.96
CA THR A 175 21.12 -10.07 -0.18
C THR A 175 21.27 -8.56 -0.15
N LYS A 176 20.76 -7.84 -1.14
CA LYS A 176 20.88 -6.39 -1.11
C LYS A 176 20.17 -5.87 0.13
N GLN A 177 20.82 -4.92 0.80
N GLN A 177 20.81 -4.96 0.85
CA GLN A 177 20.35 -4.40 2.10
CA GLN A 177 20.28 -4.58 2.16
C GLN A 177 19.33 -3.28 1.92
C GLN A 177 19.31 -3.38 2.05
N GLU A 178 18.17 -3.68 1.44
CA GLU A 178 17.03 -2.79 1.30
C GLU A 178 15.79 -3.60 1.63
N ASP A 179 14.91 -3.06 2.46
CA ASP A 179 13.70 -3.75 2.91
C ASP A 179 12.80 -2.77 3.67
N ALA A 180 11.57 -3.17 3.88
CA ALA A 180 10.76 -2.58 4.95
C ALA A 180 11.26 -3.04 6.31
N CYS A 181 10.74 -2.43 7.38
CA CYS A 181 11.20 -2.78 8.70
C CYS A 181 10.14 -2.46 9.75
N GLN A 182 10.45 -2.77 11.01
CA GLN A 182 9.58 -2.44 12.11
C GLN A 182 9.20 -0.97 12.08
N GLY A 183 7.90 -0.72 12.25
CA GLY A 183 7.34 0.60 12.16
C GLY A 183 6.76 0.92 10.78
N ASP A 184 7.13 0.13 9.75
CA ASP A 184 6.51 0.23 8.42
C ASP A 184 5.27 -0.64 8.29
N SER A 185 5.13 -1.65 9.15
N SER A 185 5.09 -1.56 9.23
CA SER A 185 4.06 -2.62 8.94
CA SER A 185 3.96 -2.50 9.25
C SER A 185 2.69 -1.93 9.05
C SER A 185 2.65 -1.78 9.00
N GLY A 186 1.78 -2.39 8.20
CA GLY A 186 0.48 -1.79 7.96
C GLY A 186 0.45 -0.81 6.83
N GLY A 187 1.64 -0.36 6.37
CA GLY A 187 1.72 0.65 5.35
C GLY A 187 1.56 0.15 3.93
N PRO A 188 1.67 1.08 2.99
CA PRO A 188 1.37 0.79 1.60
C PRO A 188 2.44 0.05 0.85
N HIS A 189 2.00 -0.91 0.05
CA HIS A 189 2.74 -1.43 -1.08
C HIS A 189 1.87 -1.12 -2.28
N VAL A 190 2.38 -0.28 -3.17
CA VAL A 190 1.65 0.15 -4.35
C VAL A 190 2.45 -0.23 -5.59
N THR A 191 1.74 -0.39 -6.70
CA THR A 191 2.36 -0.68 -7.99
C THR A 191 1.91 0.36 -8.99
N ARG A 192 2.91 0.94 -9.65
CA ARG A 192 2.68 1.92 -10.69
C ARG A 192 2.30 1.32 -12.03
N PHE A 193 1.29 1.93 -12.65
CA PHE A 193 0.94 1.60 -14.03
C PHE A 193 0.60 2.88 -14.77
N LYS A 194 1.39 3.22 -15.78
CA LYS A 194 1.21 4.54 -16.47
C LYS A 194 0.86 5.71 -15.53
N ASP A 195 1.79 5.97 -14.68
CA ASP A 195 1.71 7.09 -13.69
C ASP A 195 0.54 7.13 -12.72
N THR A 196 -0.11 6.00 -12.53
CA THR A 196 -1.14 5.85 -11.53
C THR A 196 -0.73 4.71 -10.58
N TYR A 197 -0.91 4.94 -9.28
CA TYR A 197 -0.49 4.02 -8.23
C TYR A 197 -1.69 3.27 -7.63
N PHE A 198 -1.58 1.96 -7.70
CA PHE A 198 -2.61 1.04 -7.27
C PHE A 198 -2.15 0.26 -6.06
N VAL A 199 -3.05 0.07 -5.09
CA VAL A 199 -2.76 -0.74 -3.91
C VAL A 199 -2.60 -2.19 -4.29
N THR A 200 -1.45 -2.77 -3.95
CA THR A 200 -1.14 -4.15 -4.20
C THR A 200 -0.81 -4.98 -2.93
N GLY A 201 -0.36 -4.32 -1.86
CA GLY A 201 0.04 -5.03 -0.66
C GLY A 201 -0.09 -4.17 0.56
N ILE A 202 0.02 -4.86 1.69
CA ILE A 202 0.11 -4.24 3.01
C ILE A 202 1.38 -4.81 3.65
N VAL A 203 2.26 -3.95 4.16
CA VAL A 203 3.46 -4.40 4.85
C VAL A 203 3.02 -5.28 6.03
N SER A 204 3.48 -6.55 6.08
CA SER A 204 2.96 -7.50 7.05
C SER A 204 4.00 -8.01 8.00
N TRP A 205 5.04 -8.67 7.53
CA TRP A 205 6.04 -9.22 8.45
C TRP A 205 7.34 -9.53 7.75
N GLY A 206 8.38 -9.71 8.54
CA GLY A 206 9.67 -10.17 8.08
C GLY A 206 10.42 -10.84 9.21
N GLU A 207 11.41 -11.65 8.87
CA GLU A 207 12.32 -12.22 9.85
C GLU A 207 13.48 -11.24 9.93
N GLY A 208 13.37 -10.31 10.86
CA GLY A 208 14.29 -9.19 10.90
C GLY A 208 14.00 -8.21 9.77
N CYS A 209 15.02 -7.46 9.35
CA CYS A 209 14.90 -6.50 8.23
C CYS A 209 16.13 -6.58 7.39
N ALA A 210 15.92 -6.75 6.08
CA ALA A 210 17.02 -6.75 5.10
C ALA A 210 18.04 -7.87 5.34
N ARG A 211 17.62 -8.95 6.00
CA ARG A 211 18.55 -10.06 6.21
C ARG A 211 18.84 -10.81 4.93
N LYS A 212 20.05 -11.31 4.82
CA LYS A 212 20.42 -12.15 3.71
C LYS A 212 19.59 -13.42 3.70
N GLY A 213 19.04 -13.71 2.52
CA GLY A 213 18.21 -14.90 2.36
C GLY A 213 16.77 -14.80 2.84
N LYS A 214 16.36 -13.61 3.27
CA LYS A 214 15.01 -13.33 3.69
C LYS A 214 14.43 -12.16 2.89
N TYR A 215 13.11 -12.19 2.74
CA TYR A 215 12.36 -11.17 1.99
C TYR A 215 11.34 -10.50 2.89
N GLY A 216 10.79 -9.40 2.43
CA GLY A 216 9.64 -8.79 3.11
C GLY A 216 8.36 -9.53 2.73
N ILE A 217 7.47 -9.73 3.69
CA ILE A 217 6.22 -10.43 3.46
C ILE A 217 5.05 -9.44 3.56
N TYR A 218 4.19 -9.48 2.55
CA TYR A 218 3.11 -8.54 2.36
C TYR A 218 1.77 -9.24 2.24
N THR A 219 0.73 -8.63 2.76
CA THR A 219 -0.61 -9.10 2.55
C THR A 219 -0.97 -8.91 1.07
N LYS A 220 -1.45 -9.98 0.43
CA LYS A 220 -1.80 -9.95 -1.00
C LYS A 220 -3.15 -9.30 -1.18
N VAL A 221 -3.19 -8.02 -1.51
CA VAL A 221 -4.45 -7.28 -1.57
C VAL A 221 -5.43 -7.82 -2.62
N THR A 222 -4.94 -8.40 -3.71
CA THR A 222 -5.85 -9.00 -4.67
C THR A 222 -6.81 -9.99 -4.05
N ALA A 223 -6.35 -10.73 -3.04
CA ALA A 223 -7.20 -11.72 -2.39
C ALA A 223 -8.35 -11.09 -1.58
N PHE A 224 -8.26 -9.79 -1.35
CA PHE A 224 -9.14 -9.06 -0.43
C PHE A 224 -9.85 -7.88 -1.07
N LEU A 225 -9.84 -7.77 -2.40
CA LEU A 225 -10.48 -6.61 -3.02
C LEU A 225 -11.99 -6.57 -2.79
N LYS A 226 -12.65 -7.74 -2.90
CA LYS A 226 -14.07 -7.83 -2.57
C LYS A 226 -14.32 -7.53 -1.08
N TRP A 227 -13.46 -8.06 -0.21
CA TRP A 227 -13.57 -7.84 1.25
C TRP A 227 -13.42 -6.35 1.59
N ILE A 228 -12.46 -5.69 0.94
CA ILE A 228 -12.30 -4.24 1.14
C ILE A 228 -13.56 -3.50 0.71
N ASP A 229 -14.09 -3.83 -0.47
CA ASP A 229 -15.28 -3.15 -0.96
C ASP A 229 -16.44 -3.31 0.01
N ARG A 230 -16.62 -4.51 0.54
CA ARG A 230 -17.73 -4.77 1.48
C ARG A 230 -17.52 -3.98 2.78
N SER A 231 -16.27 -3.94 3.23
CA SER A 231 -15.92 -3.28 4.47
C SER A 231 -16.14 -1.77 4.38
N MET A 232 -15.92 -1.20 3.21
CA MET A 232 -16.15 0.21 2.99
C MET A 232 -17.62 0.56 2.69
N LYS A 233 -18.51 -0.46 2.66
CA LYS A 233 -19.93 -0.33 2.34
C LYS A 233 -20.13 0.17 0.89
N THR A 234 -21.04 0.92 0.55
N LYS B 1 -7.78 -8.07 -30.91
CA LYS B 1 -6.97 -7.13 -30.09
C LYS B 1 -6.93 -7.56 -28.60
N LEU B 2 -5.81 -7.32 -27.89
CA LEU B 2 -5.53 -8.02 -26.66
C LEU B 2 -5.01 -7.11 -25.56
N CYS B 3 -5.37 -7.47 -24.35
CA CYS B 3 -4.84 -6.76 -23.21
C CYS B 3 -3.35 -7.01 -22.96
N SER B 4 -2.81 -8.07 -23.54
CA SER B 4 -1.40 -8.43 -23.35
C SER B 4 -0.43 -7.61 -24.22
N LEU B 5 -0.95 -6.77 -25.10
CA LEU B 5 -0.12 -5.88 -25.92
C LEU B 5 -0.53 -4.48 -25.59
N ASP B 6 0.38 -3.78 -24.93
CA ASP B 6 0.15 -2.39 -24.52
C ASP B 6 -1.11 -2.17 -23.73
N ASN B 7 -1.46 -3.16 -22.97
CA ASN B 7 -2.69 -3.10 -22.10
C ASN B 7 -3.93 -2.73 -22.92
N GLY B 8 -3.99 -3.18 -24.17
CA GLY B 8 -5.11 -2.88 -25.05
C GLY B 8 -5.25 -1.40 -25.38
N ASP B 9 -4.17 -0.64 -25.18
CA ASP B 9 -4.16 0.82 -25.26
C ASP B 9 -4.95 1.49 -24.13
N CYS B 10 -5.38 0.76 -23.08
CA CYS B 10 -6.17 1.33 -22.06
C CYS B 10 -5.22 2.06 -21.09
N ASP B 11 -5.66 3.20 -20.54
CA ASP B 11 -4.90 3.88 -19.49
C ASP B 11 -4.86 3.10 -18.17
N GLN B 12 -5.97 2.45 -17.83
CA GLN B 12 -6.10 1.72 -16.56
C GLN B 12 -6.53 0.28 -16.85
N PHE B 13 -7.76 -0.09 -16.50
CA PHE B 13 -8.16 -1.49 -16.60
C PHE B 13 -8.48 -1.88 -18.03
N CYS B 14 -8.11 -3.11 -18.37
CA CYS B 14 -8.37 -3.70 -19.68
C CYS B 14 -8.96 -5.08 -19.44
N HIS B 15 -10.02 -5.42 -20.20
CA HIS B 15 -10.58 -6.77 -20.25
C HIS B 15 -10.90 -7.14 -21.71
N GLU B 16 -10.65 -8.39 -22.07
CA GLU B 16 -10.88 -8.89 -23.44
C GLU B 16 -12.28 -9.41 -23.59
N GLU B 17 -12.88 -9.04 -24.73
CA GLU B 17 -14.09 -9.66 -25.25
C GLU B 17 -13.72 -10.59 -26.43
N GLN B 18 -14.72 -11.31 -26.92
CA GLN B 18 -14.57 -12.22 -28.07
C GLN B 18 -13.62 -11.74 -29.18
N ASN B 19 -13.64 -10.45 -29.50
CA ASN B 19 -12.85 -9.92 -30.61
C ASN B 19 -12.05 -8.68 -30.23
N SER B 20 -12.51 -8.03 -29.17
CA SER B 20 -12.12 -6.69 -28.84
C SER B 20 -11.65 -6.60 -27.39
N VAL B 21 -11.17 -5.43 -27.04
CA VAL B 21 -10.93 -5.08 -25.63
C VAL B 21 -11.93 -4.04 -25.15
N VAL B 22 -12.16 -4.02 -23.85
CA VAL B 22 -12.92 -2.97 -23.19
C VAL B 22 -12.09 -2.39 -22.07
N CYS B 23 -11.89 -1.06 -22.12
CA CYS B 23 -11.17 -0.34 -21.09
C CYS B 23 -12.14 0.18 -20.03
N SER B 24 -11.60 0.38 -18.82
CA SER B 24 -12.36 1.00 -17.73
C SER B 24 -11.39 1.66 -16.76
N CYS B 25 -11.96 2.36 -15.79
CA CYS B 25 -11.18 3.20 -14.91
C CYS B 25 -11.62 3.04 -13.46
N ALA B 26 -10.74 3.42 -12.54
CA ALA B 26 -11.05 3.39 -11.12
C ALA B 26 -12.07 4.48 -10.79
N ARG B 27 -12.72 4.36 -9.63
CA ARG B 27 -13.60 5.42 -9.12
C ARG B 27 -12.85 6.74 -9.10
N GLY B 28 -13.52 7.83 -9.45
CA GLY B 28 -12.89 9.15 -9.52
C GLY B 28 -12.35 9.52 -10.89
N TYR B 29 -12.50 8.59 -11.85
CA TYR B 29 -12.14 8.84 -13.24
C TYR B 29 -13.34 8.47 -14.12
N THR B 30 -13.42 9.10 -15.28
CA THR B 30 -14.41 8.77 -16.31
C THR B 30 -13.64 8.33 -17.56
N LEU B 31 -14.08 7.24 -18.15
CA LEU B 31 -13.49 6.79 -19.42
C LEU B 31 -13.76 7.85 -20.51
N ALA B 32 -12.70 8.23 -21.19
CA ALA B 32 -12.78 9.22 -22.23
C ALA B 32 -13.60 8.73 -23.42
N ASP B 33 -14.00 9.67 -24.25
CA ASP B 33 -14.75 9.38 -25.46
C ASP B 33 -14.02 8.37 -26.38
N ASN B 34 -12.69 8.39 -26.37
CA ASN B 34 -11.94 7.48 -27.23
C ASN B 34 -11.95 6.05 -26.72
N GLY B 35 -12.56 5.80 -25.56
CA GLY B 35 -12.67 4.47 -25.00
C GLY B 35 -11.41 3.93 -24.37
N LYS B 36 -10.40 4.77 -24.21
CA LYS B 36 -9.07 4.32 -23.76
C LYS B 36 -8.55 5.10 -22.52
N ALA B 37 -8.62 6.42 -22.60
CA ALA B 37 -8.08 7.29 -21.55
C ALA B 37 -9.01 7.39 -20.35
N CYS B 38 -8.42 7.67 -19.20
CA CYS B 38 -9.13 7.85 -17.95
C CYS B 38 -8.97 9.30 -17.47
N ILE B 39 -10.09 10.00 -17.34
CA ILE B 39 -10.07 11.43 -17.11
C ILE B 39 -10.49 11.66 -15.62
N PRO B 40 -9.62 12.27 -14.80
CA PRO B 40 -10.00 12.53 -13.39
C PRO B 40 -11.23 13.44 -13.32
N THR B 41 -12.12 13.16 -12.37
CA THR B 41 -13.32 13.97 -12.16
C THR B 41 -13.13 15.03 -11.07
N GLY B 42 -11.97 15.02 -10.43
CA GLY B 42 -11.68 15.97 -9.36
C GLY B 42 -10.19 16.21 -9.26
N PRO B 43 -9.78 17.09 -8.34
CA PRO B 43 -8.38 17.50 -8.26
C PRO B 43 -7.43 16.53 -7.56
N TYR B 44 -7.99 15.59 -6.82
CA TYR B 44 -7.21 14.60 -6.07
C TYR B 44 -7.70 13.19 -6.36
N PRO B 45 -7.62 12.79 -7.65
CA PRO B 45 -7.99 11.42 -8.01
C PRO B 45 -7.10 10.39 -7.35
N CYS B 46 -7.63 9.19 -7.15
CA CYS B 46 -6.83 8.15 -6.56
C CYS B 46 -5.56 7.89 -7.40
N GLY B 47 -4.50 7.53 -6.70
CA GLY B 47 -3.32 7.03 -7.37
C GLY B 47 -2.46 8.03 -8.06
N LYS B 48 -2.81 9.33 -7.97
CA LYS B 48 -1.98 10.37 -8.54
C LYS B 48 -1.19 11.10 -7.48
N GLN B 49 0.09 11.24 -7.74
CA GLN B 49 0.94 12.07 -6.89
C GLN B 49 0.44 13.51 -6.95
N THR B 50 0.55 14.23 -5.84
CA THR B 50 0.01 15.57 -5.76
C THR B 50 1.15 16.52 -6.12
N LEU B 51 1.36 16.72 -7.41
CA LEU B 51 2.49 17.48 -7.90
C LEU B 51 2.10 18.85 -8.42
N GLU B 52 0.85 19.03 -8.82
CA GLU B 52 0.41 20.36 -9.24
C GLU B 52 -0.15 21.08 -8.02
N ARG B 53 0.68 21.90 -7.37
CA ARG B 53 0.25 22.65 -6.18
C ARG B 53 -0.81 23.67 -6.55
N ARG B 54 -2.02 23.40 -6.09
CA ARG B 54 -3.19 24.20 -6.40
C ARG B 54 -3.24 25.42 -5.52
#